data_5DB9
#
_entry.id   5DB9
#
_cell.length_a   54.201
_cell.length_b   79.278
_cell.length_c   54.720
_cell.angle_alpha   90.00
_cell.angle_beta   105.63
_cell.angle_gamma   90.00
#
_symmetry.space_group_name_H-M   'P 1 21 1'
#
loop_
_entity.id
_entity.type
_entity.pdbx_description
1 polymer 'DNA polymerase beta'
2 polymer "DNA (5'-D(*CP*CP*GP*AP*CP*GP*TP*CP*GP*CP*AP*TP*GP*AP*GP*C)-3')"
3 polymer "DNA (5'-D(*GP*CP*TP*(FMG)P*AP*TP*GP*CP*GP*A)-3')"
4 polymer "DNA (5'-D(P*GP*TP*CP*GP*G)-3')"
5 non-polymer 'SODIUM ION'
6 water water
#
loop_
_entity_poly.entity_id
_entity_poly.type
_entity_poly.pdbx_seq_one_letter_code
_entity_poly.pdbx_strand_id
1 'polypeptide(L)'
;MSKRKAPQETLNGGITDMLTELANFEKNVSQAIHKYNAYRKAASVIAKYPHKIKSGAEAKKLPGVGTKIAEKIDEFLATG
KLRKLEKIRQDDTSSSINFLTRVSGIGPSAARKFVDEGIKTLEDLRKNEDKLNHHQRIGLKYFGDFEKRIPREEMLQMQD
IVLNEVKKVDSEYIATVCGSFRRGAESSGDMDVLLTHPSFTSESTKQPKLLHQVVEQLQKVHFITDTLSKGETKFMGVCQ
LPSKNDEKEYPHRRIDIRLIPKDQYYCGVLYFTGSDIFNKNMRAHALEKGFTINEYTIRPLGVTGVAGEPLPVDSEKDIF
DYIQWKYREPKDRSE
;
A
2 'polydeoxyribonucleotide' (DC)(DC)(DG)(DA)(DC)(DG)(DT)(DC)(DG)(DC)(DA)(DT)(DG)(DA)(DG)(DC) T
3 'polydeoxyribonucleotide' (DG)(DC)(DT)(FMG)(DA)(DT)(DG)(DC)(DG)(DA) P
4 'polydeoxyribonucleotide' (DG)(DT)(DC)(DG)(DG) D
#
# COMPACT_ATOMS: atom_id res chain seq x y z
N PRO A 7 -2.50 -13.91 19.13
CA PRO A 7 -1.39 -13.17 19.74
C PRO A 7 -1.72 -11.70 19.99
N GLN A 8 -1.58 -11.24 21.23
CA GLN A 8 -1.90 -9.86 21.60
C GLN A 8 -0.71 -8.93 21.36
N GLU A 9 -1.02 -7.64 21.21
CA GLU A 9 0.00 -6.60 21.15
C GLU A 9 0.89 -6.69 22.39
N THR A 10 0.24 -6.77 23.55
CA THR A 10 0.91 -6.78 24.86
C THR A 10 1.98 -7.91 25.02
N LEU A 11 1.98 -8.86 24.09
CA LEU A 11 3.00 -9.91 24.04
C LEU A 11 4.39 -9.36 23.76
N ASN A 12 4.61 -8.94 22.50
CA ASN A 12 5.90 -8.42 22.08
C ASN A 12 5.82 -7.04 21.43
N GLY A 13 4.80 -6.27 21.83
CA GLY A 13 4.52 -4.98 21.24
C GLY A 13 5.66 -4.01 21.38
N GLY A 14 6.31 -4.02 22.54
CA GLY A 14 7.42 -3.13 22.77
C GLY A 14 8.51 -3.37 21.74
N ILE A 15 8.74 -4.65 21.46
CA ILE A 15 9.72 -5.06 20.50
C ILE A 15 9.30 -4.65 19.09
N THR A 16 8.11 -5.03 18.67
CA THR A 16 7.71 -4.69 17.29
C THR A 16 7.63 -3.18 17.09
N ASP A 17 7.18 -2.43 18.10
CA ASP A 17 7.23 -0.97 18.00
C ASP A 17 8.67 -0.48 17.81
N MET A 18 9.56 -1.00 18.63
CA MET A 18 10.96 -0.62 18.55
C MET A 18 11.48 -0.87 17.14
N LEU A 19 11.24 -2.08 16.64
CA LEU A 19 11.73 -2.47 15.32
C LEU A 19 11.09 -1.61 14.23
N THR A 20 9.85 -1.21 14.44
CA THR A 20 9.14 -0.41 13.42
C THR A 20 9.63 1.04 13.45
N GLU A 21 9.86 1.58 14.64
CA GLU A 21 10.55 2.87 14.78
C GLU A 21 11.89 2.86 14.03
N LEU A 22 12.77 1.94 14.42
CA LEU A 22 14.03 1.71 13.71
C LEU A 22 13.84 1.63 12.20
N ALA A 23 12.83 0.91 11.75
CA ALA A 23 12.54 0.79 10.32
C ALA A 23 12.34 2.15 9.68
N ASN A 24 11.56 3.01 10.34
CA ASN A 24 11.22 4.29 9.77
C ASN A 24 12.42 5.22 9.68
N PHE A 25 13.31 5.20 10.68
CA PHE A 25 14.55 6.00 10.57
C PHE A 25 15.46 5.51 9.43
N GLU A 26 15.56 4.19 9.24
CA GLU A 26 16.34 3.68 8.11
C GLU A 26 15.76 4.24 6.81
N LYS A 27 14.44 4.12 6.63
CA LYS A 27 13.83 4.56 5.38
C LYS A 27 14.04 6.06 5.18
N ASN A 28 13.60 6.85 6.16
CA ASN A 28 13.48 8.31 6.01
C ASN A 28 14.75 9.13 6.32
N VAL A 29 15.54 8.68 7.28
CA VAL A 29 16.76 9.40 7.64
C VAL A 29 18.00 8.81 6.97
N SER A 30 18.20 7.51 7.12
CA SER A 30 19.43 6.89 6.61
C SER A 30 19.34 6.61 5.11
N GLN A 31 18.12 6.68 4.53
CA GLN A 31 17.94 6.38 3.10
C GLN A 31 18.44 5.01 2.75
N ALA A 32 18.10 4.04 3.60
CA ALA A 32 18.50 2.64 3.40
C ALA A 32 17.27 1.74 3.29
N ILE A 33 16.65 1.73 2.11
CA ILE A 33 15.32 1.13 1.96
C ILE A 33 15.32 -0.38 2.29
N HIS A 34 16.43 -1.07 2.04
CA HIS A 34 16.50 -2.50 2.35
C HIS A 34 16.63 -2.73 3.85
N LYS A 35 17.37 -1.88 4.55
CA LYS A 35 17.36 -1.99 6.01
C LYS A 35 15.95 -1.73 6.55
N TYR A 36 15.25 -0.80 5.93
CA TYR A 36 13.87 -0.52 6.32
C TYR A 36 13.00 -1.79 6.22
N ASN A 37 13.08 -2.49 5.09
CA ASN A 37 12.24 -3.65 4.90
C ASN A 37 12.67 -4.84 5.77
N ALA A 38 13.97 -4.95 6.05
CA ALA A 38 14.50 -5.95 6.97
C ALA A 38 13.90 -5.78 8.36
N TYR A 39 13.88 -4.55 8.84
CA TYR A 39 13.30 -4.28 10.15
C TYR A 39 11.79 -4.54 10.14
N ARG A 40 11.12 -4.20 9.06
CA ARG A 40 9.68 -4.41 9.06
C ARG A 40 9.37 -5.90 9.02
N LYS A 41 10.22 -6.66 8.34
CA LYS A 41 10.08 -8.09 8.19
C LYS A 41 10.21 -8.80 9.52
N ALA A 42 11.24 -8.42 10.28
CA ALA A 42 11.44 -8.87 11.64
C ALA A 42 10.25 -8.50 12.54
N ALA A 43 9.82 -7.23 12.48
CA ALA A 43 8.65 -6.77 13.24
C ALA A 43 7.43 -7.64 12.95
N SER A 44 7.23 -7.95 11.68
CA SER A 44 6.06 -8.70 11.27
C SER A 44 6.12 -10.16 11.75
N VAL A 45 7.23 -10.85 11.52
CA VAL A 45 7.34 -12.26 11.92
C VAL A 45 7.23 -12.36 13.44
N ILE A 46 7.76 -11.38 14.15
CA ILE A 46 7.69 -11.37 15.61
C ILE A 46 6.25 -11.15 16.04
N ALA A 47 5.56 -10.27 15.34
CA ALA A 47 4.18 -9.90 15.69
C ALA A 47 3.21 -11.07 15.54
N LYS A 48 3.67 -12.15 14.91
CA LYS A 48 2.81 -13.30 14.64
C LYS A 48 3.14 -14.40 15.62
N TYR A 49 4.34 -14.32 16.18
CA TYR A 49 4.86 -15.33 17.10
C TYR A 49 4.11 -15.25 18.43
N PRO A 50 3.48 -16.37 18.82
CA PRO A 50 2.46 -16.37 19.87
C PRO A 50 3.01 -16.70 21.25
N HIS A 51 4.23 -16.25 21.52
CA HIS A 51 4.82 -16.36 22.85
C HIS A 51 5.48 -15.04 23.18
N LYS A 52 5.40 -14.62 24.44
CA LYS A 52 6.19 -13.48 24.88
C LYS A 52 7.66 -13.87 24.81
N ILE A 53 8.44 -13.13 24.04
CA ILE A 53 9.85 -13.47 23.82
C ILE A 53 10.69 -13.18 25.07
N LYS A 54 11.61 -14.09 25.40
CA LYS A 54 12.39 -14.07 26.65
C LYS A 54 13.86 -13.70 26.46
N SER A 55 14.33 -13.88 25.22
CA SER A 55 15.72 -13.64 24.85
C SER A 55 15.79 -13.38 23.34
N GLY A 56 16.83 -12.67 22.90
CA GLY A 56 17.06 -12.45 21.48
C GLY A 56 17.38 -13.74 20.77
N ALA A 57 17.93 -14.70 21.52
CA ALA A 57 18.22 -16.03 20.99
C ALA A 57 16.94 -16.78 20.62
N GLU A 58 15.89 -16.62 21.43
CA GLU A 58 14.60 -17.23 21.11
C GLU A 58 14.10 -16.66 19.80
N ALA A 59 14.24 -15.34 19.68
CA ALA A 59 13.76 -14.58 18.54
C ALA A 59 14.58 -14.87 17.28
N LYS A 60 15.88 -15.10 17.42
CA LYS A 60 16.75 -15.28 16.25
C LYS A 60 16.33 -16.49 15.40
N LYS A 61 15.62 -17.41 16.04
CA LYS A 61 15.18 -18.63 15.36
C LYS A 61 14.24 -18.29 14.22
N LEU A 62 13.53 -17.18 14.37
CA LEU A 62 12.56 -16.76 13.37
C LEU A 62 13.27 -16.29 12.10
N PRO A 63 12.64 -16.54 10.95
CA PRO A 63 13.21 -16.04 9.71
C PRO A 63 13.00 -14.51 9.58
N GLY A 64 14.08 -13.80 9.34
CA GLY A 64 14.03 -12.36 9.24
C GLY A 64 14.72 -11.70 10.41
N VAL A 65 14.93 -12.48 11.48
CA VAL A 65 15.65 -12.02 12.68
C VAL A 65 17.04 -12.64 12.77
N GLY A 66 18.05 -11.78 12.78
CA GLY A 66 19.42 -12.22 12.82
C GLY A 66 20.19 -11.78 14.06
N THR A 67 21.50 -11.68 13.90
CA THR A 67 22.38 -11.37 15.03
C THR A 67 22.11 -10.01 15.63
N LYS A 68 22.02 -8.99 14.79
CA LYS A 68 21.96 -7.65 15.31
C LYS A 68 20.60 -7.31 15.92
N ILE A 69 19.53 -7.94 15.46
CA ILE A 69 18.23 -7.66 16.07
C ILE A 69 18.13 -8.45 17.37
N ALA A 70 18.65 -9.68 17.37
CA ALA A 70 18.77 -10.47 18.60
C ALA A 70 19.44 -9.67 19.72
N GLU A 71 20.52 -8.97 19.40
CA GLU A 71 21.22 -8.12 20.37
C GLU A 71 20.33 -7.02 20.91
N LYS A 72 19.59 -6.38 20.01
CA LYS A 72 18.74 -5.26 20.40
C LYS A 72 17.61 -5.75 21.29
N ILE A 73 17.05 -6.91 20.97
CA ILE A 73 16.02 -7.50 21.81
C ILE A 73 16.52 -7.77 23.23
N ASP A 74 17.70 -8.36 23.35
CA ASP A 74 18.33 -8.53 24.66
C ASP A 74 18.43 -7.23 25.42
N GLU A 75 18.94 -6.18 24.77
CA GLU A 75 19.14 -4.88 25.42
C GLU A 75 17.80 -4.32 25.88
N PHE A 76 16.81 -4.39 25.00
CA PHE A 76 15.46 -3.94 25.32
C PHE A 76 14.87 -4.73 26.46
N LEU A 77 15.05 -6.05 26.41
CA LEU A 77 14.49 -6.92 27.44
C LEU A 77 15.08 -6.62 28.80
N ALA A 78 16.39 -6.40 28.85
CA ALA A 78 17.08 -6.13 30.12
C ALA A 78 16.82 -4.71 30.64
N THR A 79 16.74 -3.73 29.76
CA THR A 79 16.71 -2.33 30.18
C THR A 79 15.38 -1.64 29.92
N GLY A 80 14.53 -2.24 29.10
CA GLY A 80 13.25 -1.62 28.78
C GLY A 80 13.36 -0.51 27.77
N LYS A 81 14.53 -0.42 27.12
CA LYS A 81 14.74 0.54 26.02
C LYS A 81 15.96 0.21 25.18
N LEU A 82 16.11 0.97 24.11
CA LEU A 82 17.29 0.86 23.26
C LEU A 82 18.01 2.20 23.17
N ARG A 83 19.28 2.23 23.58
CA ARG A 83 20.07 3.46 23.67
C ARG A 83 20.10 4.25 22.35
N LYS A 84 20.30 3.54 21.26
CA LYS A 84 20.41 4.14 19.93
C LYS A 84 19.13 4.83 19.54
N LEU A 85 18.03 4.20 19.89
CA LEU A 85 16.70 4.67 19.54
C LEU A 85 16.37 5.90 20.38
N GLU A 86 16.70 5.82 21.66
CA GLU A 86 16.53 6.95 22.59
C GLU A 86 17.25 8.17 22.07
N LYS A 87 18.47 7.95 21.61
CA LYS A 87 19.28 9.04 21.11
C LYS A 87 18.68 9.66 19.85
N ILE A 88 18.32 8.83 18.88
CA ILE A 88 17.83 9.35 17.63
C ILE A 88 16.46 10.04 17.85
N ARG A 89 15.67 9.52 18.80
CA ARG A 89 14.36 10.12 19.12
C ARG A 89 14.49 11.58 19.59
N GLN A 90 15.59 11.87 20.30
CA GLN A 90 15.85 13.18 20.89
C GLN A 90 16.63 14.07 19.90
N ASP A 91 17.12 13.47 18.83
CA ASP A 91 17.91 14.21 17.85
C ASP A 91 16.98 15.14 17.07
N ASP A 92 17.19 16.44 17.20
CA ASP A 92 16.21 17.37 16.65
C ASP A 92 16.11 17.25 15.14
N THR A 93 17.26 17.22 14.49
CA THR A 93 17.32 17.12 13.05
C THR A 93 16.71 15.84 12.47
N SER A 94 17.06 14.71 13.05
CA SER A 94 16.62 13.45 12.47
C SER A 94 15.16 13.15 12.78
N SER A 95 14.68 13.58 13.94
CA SER A 95 13.30 13.31 14.28
C SER A 95 12.39 14.16 13.39
N SER A 96 12.90 15.32 12.99
CA SER A 96 12.15 16.22 12.14
C SER A 96 12.10 15.68 10.71
N ILE A 97 13.22 15.12 10.23
CA ILE A 97 13.25 14.54 8.89
C ILE A 97 12.27 13.37 8.80
N ASN A 98 12.33 12.49 9.79
CA ASN A 98 11.42 11.37 9.89
C ASN A 98 9.96 11.84 9.90
N PHE A 99 9.68 12.92 10.61
CA PHE A 99 8.33 13.43 10.71
C PHE A 99 7.76 14.01 9.41
N LEU A 100 8.54 14.90 8.78
CA LEU A 100 8.09 15.51 7.53
C LEU A 100 7.72 14.48 6.47
N THR A 101 8.32 13.28 6.49
CA THR A 101 8.01 12.30 5.45
C THR A 101 6.59 11.78 5.60
N ARG A 102 5.94 12.10 6.72
CA ARG A 102 4.56 11.70 6.91
C ARG A 102 3.62 12.53 6.05
N VAL A 103 4.15 13.60 5.50
CA VAL A 103 3.45 14.31 4.46
C VAL A 103 3.59 13.59 3.14
N SER A 104 2.47 13.13 2.62
CA SER A 104 2.45 12.50 1.30
C SER A 104 3.05 13.40 0.23
N GLY A 105 4.00 12.85 -0.52
CA GLY A 105 4.76 13.59 -1.51
C GLY A 105 6.09 14.08 -0.96
N ILE A 106 6.24 14.15 0.36
CA ILE A 106 7.54 14.42 0.94
C ILE A 106 8.18 13.09 1.29
N GLY A 107 9.21 12.72 0.52
CA GLY A 107 9.98 11.52 0.77
C GLY A 107 11.23 11.94 1.52
N PRO A 108 12.12 10.97 1.76
CA PRO A 108 13.34 11.24 2.54
C PRO A 108 14.25 12.33 1.94
N SER A 109 14.32 12.45 0.62
CA SER A 109 15.16 13.48 0.01
C SER A 109 14.61 14.91 0.17
N ALA A 110 13.30 15.08 -0.03
CA ALA A 110 12.66 16.38 0.17
C ALA A 110 12.63 16.77 1.66
N ALA A 111 12.44 15.79 2.53
CA ALA A 111 12.43 16.04 3.97
C ALA A 111 13.84 16.43 4.43
N ARG A 112 14.83 15.75 3.87
CA ARG A 112 16.22 16.11 4.10
C ARG A 112 16.47 17.58 3.79
N LYS A 113 15.98 18.02 2.62
CA LYS A 113 16.25 19.36 2.11
C LYS A 113 15.59 20.43 2.94
N PHE A 114 14.38 20.10 3.39
CA PHE A 114 13.62 21.04 4.18
C PHE A 114 14.32 21.30 5.48
N VAL A 115 14.72 20.23 6.14
CA VAL A 115 15.27 20.37 7.48
C VAL A 115 16.64 21.03 7.35
N ASP A 116 17.26 20.88 6.18
CA ASP A 116 18.52 21.54 5.88
C ASP A 116 18.40 23.05 5.95
N GLU A 117 17.31 23.58 5.41
CA GLU A 117 17.13 25.03 5.37
C GLU A 117 16.25 25.55 6.50
N GLY A 118 15.93 24.70 7.47
CA GLY A 118 15.28 25.18 8.67
C GLY A 118 13.83 24.80 8.79
N ILE A 119 13.27 24.26 7.72
CA ILE A 119 11.87 23.87 7.69
C ILE A 119 11.66 22.51 8.37
N LYS A 120 11.06 22.49 9.55
CA LYS A 120 11.01 21.26 10.36
C LYS A 120 9.63 20.80 10.74
N THR A 121 8.64 21.70 10.67
CA THR A 121 7.31 21.41 11.19
C THR A 121 6.20 21.66 10.15
N LEU A 122 5.00 21.11 10.35
CA LEU A 122 3.84 21.42 9.49
C LEU A 122 3.58 22.92 9.43
N GLU A 123 3.82 23.57 10.56
CA GLU A 123 3.77 25.02 10.64
C GLU A 123 4.77 25.60 9.66
N ASP A 124 6.00 25.11 9.68
CA ASP A 124 7.00 25.63 8.76
C ASP A 124 6.62 25.36 7.29
N LEU A 125 5.99 24.22 7.05
CA LEU A 125 5.54 23.91 5.70
C LEU A 125 4.48 24.91 5.29
N ARG A 126 3.54 25.17 6.18
CA ARG A 126 2.47 26.10 5.87
C ARG A 126 2.97 27.52 5.59
N LYS A 127 4.15 27.89 6.14
CA LYS A 127 4.76 29.21 5.88
C LYS A 127 5.54 29.26 4.57
N ASN A 128 5.63 28.15 3.85
CA ASN A 128 6.54 28.10 2.72
C ASN A 128 5.95 27.35 1.54
N GLU A 129 4.64 27.50 1.37
CA GLU A 129 3.93 26.82 0.29
C GLU A 129 4.62 26.93 -1.07
N ASP A 130 5.35 28.02 -1.31
CA ASP A 130 5.91 28.16 -2.65
C ASP A 130 7.18 27.32 -2.82
N LYS A 131 7.56 26.56 -1.79
CA LYS A 131 8.62 25.57 -1.94
C LYS A 131 8.07 24.14 -2.07
N LEU A 132 6.75 24.01 -1.99
CA LEU A 132 6.09 22.72 -2.08
C LEU A 132 5.59 22.50 -3.50
N ASN A 133 5.78 21.30 -4.04
CA ASN A 133 5.16 21.01 -5.33
C ASN A 133 3.67 20.72 -5.11
N HIS A 134 2.94 20.53 -6.21
CA HIS A 134 1.50 20.26 -6.15
C HIS A 134 1.16 19.12 -5.19
N HIS A 135 1.83 17.97 -5.36
CA HIS A 135 1.49 16.79 -4.57
C HIS A 135 1.72 17.10 -3.10
N GLN A 136 2.86 17.71 -2.82
CA GLN A 136 3.19 18.04 -1.45
C GLN A 136 2.17 18.95 -0.80
N ARG A 137 1.70 19.96 -1.56
CA ARG A 137 0.71 20.86 -1.02
C ARG A 137 -0.56 20.11 -0.65
N ILE A 138 -0.97 19.16 -1.50
CA ILE A 138 -2.16 18.37 -1.22
C ILE A 138 -1.95 17.55 0.04
N GLY A 139 -0.78 16.94 0.15
CA GLY A 139 -0.46 16.15 1.33
C GLY A 139 -0.49 16.97 2.61
N LEU A 140 0.01 18.19 2.52
CA LEU A 140 -0.05 19.11 3.65
C LEU A 140 -1.50 19.39 4.04
N LYS A 141 -2.25 19.99 3.12
CA LYS A 141 -3.67 20.24 3.30
C LYS A 141 -4.42 19.10 3.98
N TYR A 142 -4.16 17.86 3.58
CA TYR A 142 -4.91 16.74 4.14
C TYR A 142 -4.13 15.82 5.07
N PHE A 143 -3.05 16.35 5.65
CA PHE A 143 -2.15 15.55 6.48
C PHE A 143 -2.91 14.61 7.42
N GLY A 144 -3.84 15.16 8.18
CA GLY A 144 -4.52 14.38 9.22
C GLY A 144 -5.52 13.39 8.66
N ASP A 145 -6.32 13.82 7.69
CA ASP A 145 -7.31 12.96 7.05
C ASP A 145 -6.66 11.71 6.47
N PHE A 146 -5.47 11.89 5.93
CA PHE A 146 -4.80 10.83 5.20
C PHE A 146 -4.26 9.76 6.14
N GLU A 147 -3.85 10.15 7.34
CA GLU A 147 -3.37 9.18 8.32
C GLU A 147 -4.53 8.50 9.05
N LYS A 148 -5.77 8.81 8.67
CA LYS A 148 -6.92 8.14 9.28
C LYS A 148 -7.27 6.88 8.52
N ARG A 149 -7.98 5.98 9.15
CA ARG A 149 -8.39 4.83 8.41
C ARG A 149 -9.81 5.05 7.90
N ILE A 150 -10.20 4.22 6.94
CA ILE A 150 -11.53 4.27 6.36
C ILE A 150 -12.32 3.08 6.81
N PRO A 151 -13.41 3.32 7.55
CA PRO A 151 -14.18 2.16 7.97
C PRO A 151 -14.90 1.56 6.76
N ARG A 152 -15.01 0.24 6.73
CA ARG A 152 -15.59 -0.52 5.62
C ARG A 152 -16.94 0.01 5.20
N GLU A 153 -17.74 0.49 6.16
CA GLU A 153 -19.02 1.07 5.80
C GLU A 153 -18.84 2.30 4.90
N GLU A 154 -17.77 3.05 5.06
CA GLU A 154 -17.56 4.20 4.19
C GLU A 154 -17.06 3.74 2.84
N MET A 155 -16.28 2.66 2.88
CA MET A 155 -15.69 2.09 1.69
C MET A 155 -16.80 1.58 0.80
N LEU A 156 -17.79 0.92 1.41
CA LEU A 156 -18.95 0.47 0.65
C LEU A 156 -19.61 1.65 -0.03
N GLN A 157 -19.82 2.72 0.75
CA GLN A 157 -20.46 3.91 0.20
C GLN A 157 -19.62 4.52 -0.89
N MET A 158 -18.30 4.47 -0.75
CA MET A 158 -17.43 4.98 -1.82
C MET A 158 -17.50 4.08 -3.06
N GLN A 159 -17.51 2.75 -2.85
CA GLN A 159 -17.69 1.81 -3.97
C GLN A 159 -18.97 2.11 -4.75
N ASP A 160 -20.10 2.13 -4.06
CA ASP A 160 -21.38 2.52 -4.66
C ASP A 160 -21.26 3.69 -5.64
N ILE A 161 -20.58 4.75 -5.21
CA ILE A 161 -20.42 5.93 -6.05
C ILE A 161 -19.50 5.61 -7.22
N VAL A 162 -18.45 4.82 -6.97
CA VAL A 162 -17.49 4.63 -8.02
C VAL A 162 -18.08 3.75 -9.10
N LEU A 163 -18.71 2.65 -8.71
CA LEU A 163 -19.32 1.73 -9.67
C LEU A 163 -20.49 2.38 -10.41
N ASN A 164 -21.31 3.13 -9.67
CA ASN A 164 -22.40 3.86 -10.30
C ASN A 164 -21.89 4.81 -11.37
N GLU A 165 -20.91 5.65 -11.04
CA GLU A 165 -20.47 6.67 -11.98
C GLU A 165 -19.69 6.08 -13.15
N VAL A 166 -18.94 4.99 -12.92
CA VAL A 166 -18.18 4.35 -13.98
C VAL A 166 -19.16 3.80 -15.01
N LYS A 167 -20.13 3.04 -14.52
CA LYS A 167 -21.14 2.47 -15.39
C LYS A 167 -21.88 3.55 -16.16
N LYS A 168 -22.15 4.68 -15.51
CA LYS A 168 -22.92 5.74 -16.16
C LYS A 168 -22.11 6.35 -17.31
N VAL A 169 -20.81 6.48 -17.15
CA VAL A 169 -19.94 6.89 -18.27
C VAL A 169 -20.01 5.94 -19.49
N ASP A 170 -19.88 4.64 -19.25
CA ASP A 170 -19.98 3.66 -20.31
C ASP A 170 -20.27 2.31 -19.62
N SER A 171 -21.43 1.73 -19.93
CA SER A 171 -21.91 0.50 -19.29
C SER A 171 -21.02 -0.74 -19.56
N GLU A 172 -19.98 -0.60 -20.38
CA GLU A 172 -19.12 -1.74 -20.74
C GLU A 172 -17.81 -1.79 -19.98
N TYR A 173 -17.46 -0.67 -19.37
CA TYR A 173 -16.40 -0.62 -18.37
C TYR A 173 -16.57 -1.70 -17.30
N ILE A 174 -15.45 -2.22 -16.81
CA ILE A 174 -15.49 -3.07 -15.64
C ILE A 174 -14.56 -2.51 -14.58
N ALA A 175 -15.07 -2.44 -13.36
CA ALA A 175 -14.32 -1.80 -12.29
C ALA A 175 -14.39 -2.68 -11.05
N THR A 176 -13.29 -2.74 -10.31
CA THR A 176 -13.21 -3.57 -9.13
C THR A 176 -12.49 -2.84 -8.02
N VAL A 177 -13.11 -2.70 -6.86
CA VAL A 177 -12.36 -2.17 -5.74
C VAL A 177 -11.59 -3.33 -5.09
N CYS A 178 -10.27 -3.24 -5.12
CA CYS A 178 -9.43 -4.32 -4.60
C CYS A 178 -8.87 -3.95 -3.24
N GLY A 179 -7.63 -4.34 -2.97
CA GLY A 179 -7.01 -4.04 -1.68
C GLY A 179 -7.54 -4.93 -0.56
N SER A 180 -7.26 -4.57 0.68
CA SER A 180 -7.77 -5.32 1.83
C SER A 180 -9.30 -5.24 1.88
N PHE A 181 -9.86 -4.20 1.28
CA PHE A 181 -11.32 -4.11 1.20
C PHE A 181 -11.93 -5.36 0.56
N ARG A 182 -11.41 -5.75 -0.60
CA ARG A 182 -11.96 -6.87 -1.34
C ARG A 182 -11.78 -8.19 -0.57
N ARG A 183 -10.79 -8.22 0.30
CA ARG A 183 -10.59 -9.38 1.17
C ARG A 183 -11.51 -9.37 2.39
N GLY A 184 -12.20 -8.26 2.64
CA GLY A 184 -13.24 -8.22 3.65
C GLY A 184 -12.90 -7.41 4.90
N ALA A 185 -11.77 -6.71 4.85
CA ALA A 185 -11.27 -5.93 5.98
C ALA A 185 -12.32 -5.00 6.58
N GLU A 186 -12.24 -4.84 7.89
CA GLU A 186 -13.15 -3.97 8.63
C GLU A 186 -12.76 -2.50 8.47
N SER A 187 -11.62 -2.26 7.84
CA SER A 187 -11.15 -0.91 7.59
C SER A 187 -10.06 -0.91 6.52
N SER A 188 -9.88 0.25 5.89
CA SER A 188 -8.93 0.39 4.80
C SER A 188 -8.12 1.67 4.95
N GLY A 189 -7.00 1.75 4.24
CA GLY A 189 -6.16 2.94 4.28
C GLY A 189 -6.37 3.85 3.08
N ASP A 190 -7.01 3.34 2.04
CA ASP A 190 -7.26 4.10 0.80
C ASP A 190 -8.11 3.22 -0.10
N MET A 191 -8.47 3.72 -1.28
CA MET A 191 -9.31 2.94 -2.17
C MET A 191 -8.57 2.72 -3.47
N ASP A 192 -8.39 1.45 -3.80
CA ASP A 192 -7.68 1.06 -5.00
C ASP A 192 -8.66 0.51 -6.03
N VAL A 193 -8.85 1.25 -7.12
CA VAL A 193 -9.79 0.82 -8.14
C VAL A 193 -9.10 0.34 -9.42
N LEU A 194 -9.50 -0.84 -9.89
CA LEU A 194 -8.95 -1.37 -11.13
C LEU A 194 -10.00 -1.31 -12.23
N LEU A 195 -9.58 -0.91 -13.42
CA LEU A 195 -10.52 -0.55 -14.45
C LEU A 195 -10.14 -1.15 -15.79
N THR A 196 -11.13 -1.57 -16.56
CA THR A 196 -10.88 -1.98 -17.93
C THR A 196 -12.11 -1.79 -18.83
N HIS A 197 -11.94 -2.03 -20.12
CA HIS A 197 -12.97 -1.83 -21.14
C HIS A 197 -12.66 -2.80 -22.28
N PRO A 198 -13.70 -3.38 -22.92
CA PRO A 198 -13.43 -4.34 -23.99
C PRO A 198 -12.57 -3.77 -25.14
N SER A 199 -12.61 -2.47 -25.35
CA SER A 199 -11.89 -1.86 -26.46
C SER A 199 -10.40 -1.67 -26.21
N PHE A 200 -9.95 -1.97 -24.99
CA PHE A 200 -8.55 -1.81 -24.61
C PHE A 200 -7.84 -3.15 -24.28
N THR A 201 -7.06 -3.67 -25.23
CA THR A 201 -6.24 -4.86 -25.02
C THR A 201 -4.75 -4.52 -25.18
N SER A 202 -3.88 -5.51 -24.97
CA SER A 202 -2.42 -5.31 -25.06
C SER A 202 -1.94 -4.93 -26.46
N GLU A 203 -2.43 -5.68 -27.45
CA GLU A 203 -2.11 -5.46 -28.86
C GLU A 203 -2.99 -4.34 -29.43
N SER A 204 -3.62 -3.58 -28.54
CA SER A 204 -4.46 -2.44 -28.94
C SER A 204 -3.84 -1.11 -28.48
N GLN A 207 -9.33 4.53 -27.09
CA GLN A 207 -8.80 5.88 -26.93
C GLN A 207 -7.86 6.00 -25.72
N PRO A 208 -6.98 7.01 -25.76
CA PRO A 208 -6.25 7.41 -24.55
C PRO A 208 -7.13 8.24 -23.61
N LYS A 209 -8.45 8.18 -23.77
CA LYS A 209 -9.33 8.90 -22.87
C LYS A 209 -10.22 7.99 -22.01
N LEU A 210 -9.99 6.69 -22.06
CA LEU A 210 -10.79 5.78 -21.26
C LEU A 210 -10.66 6.08 -19.77
N LEU A 211 -9.49 6.52 -19.36
CA LEU A 211 -9.29 6.81 -17.96
C LEU A 211 -9.78 8.22 -17.69
N HIS A 212 -9.48 9.12 -18.61
CA HIS A 212 -9.83 10.51 -18.41
C HIS A 212 -11.32 10.67 -18.18
N GLN A 213 -12.13 10.02 -19.00
CA GLN A 213 -13.57 10.21 -18.89
C GLN A 213 -14.12 9.78 -17.55
N VAL A 214 -13.57 8.70 -17.02
CA VAL A 214 -14.05 8.22 -15.73
C VAL A 214 -13.68 9.21 -14.62
N VAL A 215 -12.43 9.63 -14.60
CA VAL A 215 -12.00 10.62 -13.61
C VAL A 215 -12.82 11.91 -13.73
N GLU A 216 -13.04 12.35 -14.96
CA GLU A 216 -13.82 13.56 -15.22
C GLU A 216 -15.23 13.47 -14.64
N GLN A 217 -15.84 12.29 -14.76
CA GLN A 217 -17.17 12.08 -14.24
C GLN A 217 -17.17 12.10 -12.72
N LEU A 218 -16.18 11.48 -12.11
CA LEU A 218 -16.10 11.44 -10.66
C LEU A 218 -15.78 12.81 -10.09
N GLN A 219 -15.13 13.63 -10.90
CA GLN A 219 -14.92 15.03 -10.53
C GLN A 219 -16.20 15.84 -10.66
N LYS A 220 -16.94 15.56 -11.72
CA LYS A 220 -18.14 16.34 -12.04
C LYS A 220 -19.23 16.19 -10.96
N VAL A 221 -19.32 15.03 -10.32
CA VAL A 221 -20.28 14.83 -9.23
C VAL A 221 -19.63 15.07 -7.89
N HIS A 222 -18.42 15.62 -7.94
CA HIS A 222 -17.72 16.14 -6.76
C HIS A 222 -17.35 15.07 -5.77
N PHE A 223 -17.08 13.87 -6.28
CA PHE A 223 -16.54 12.80 -5.44
C PHE A 223 -15.02 12.97 -5.38
N ILE A 224 -14.40 13.10 -6.55
CA ILE A 224 -12.95 13.38 -6.62
C ILE A 224 -12.66 14.86 -6.41
N THR A 225 -11.89 15.18 -5.39
CA THR A 225 -11.66 16.57 -5.04
C THR A 225 -10.28 17.12 -5.43
N ASP A 226 -9.27 16.26 -5.53
CA ASP A 226 -7.95 16.72 -5.96
C ASP A 226 -7.21 15.67 -6.75
N THR A 227 -6.15 16.10 -7.44
CA THR A 227 -5.36 15.21 -8.29
C THR A 227 -3.88 15.27 -7.89
N LEU A 228 -3.35 14.15 -7.38
CA LEU A 228 -1.92 14.02 -7.10
C LEU A 228 -1.16 13.81 -8.41
N SER A 229 -1.62 12.84 -9.19
CA SER A 229 -1.02 12.55 -10.49
C SER A 229 -2.04 11.93 -11.42
N LYS A 230 -1.88 12.14 -12.73
CA LYS A 230 -2.80 11.54 -13.71
C LYS A 230 -2.22 11.44 -15.12
N GLY A 231 -2.30 10.25 -15.71
CA GLY A 231 -1.88 10.02 -17.09
C GLY A 231 -2.84 9.04 -17.76
N GLU A 232 -2.49 8.55 -18.94
CA GLU A 232 -3.35 7.60 -19.64
C GLU A 232 -3.65 6.26 -18.91
N THR A 233 -2.81 5.79 -17.98
CA THR A 233 -3.22 4.55 -17.30
C THR A 233 -3.33 4.59 -15.76
N LYS A 234 -2.73 5.58 -15.11
CA LYS A 234 -2.81 5.62 -13.65
C LYS A 234 -3.21 7.01 -13.13
N PHE A 235 -4.23 7.03 -12.28
CA PHE A 235 -4.67 8.24 -11.61
C PHE A 235 -4.46 8.06 -10.12
N MET A 236 -3.86 9.06 -9.49
CA MET A 236 -3.78 9.08 -8.03
C MET A 236 -4.32 10.40 -7.52
N GLY A 237 -5.29 10.35 -6.62
CA GLY A 237 -5.88 11.57 -6.11
C GLY A 237 -6.63 11.46 -4.81
N VAL A 238 -7.50 12.44 -4.59
CA VAL A 238 -8.21 12.61 -3.32
C VAL A 238 -9.70 12.52 -3.56
N CYS A 239 -10.45 11.95 -2.61
CA CYS A 239 -11.91 11.98 -2.73
C CYS A 239 -12.60 12.19 -1.37
N GLN A 240 -13.92 12.31 -1.40
CA GLN A 240 -14.70 12.57 -0.18
C GLN A 240 -16.20 12.30 -0.37
N LEU A 241 -16.75 11.51 0.54
CA LEU A 241 -18.16 11.22 0.54
C LEU A 241 -18.98 12.52 0.69
N PRO A 242 -20.19 12.54 0.12
CA PRO A 242 -21.00 13.75 0.27
C PRO A 242 -21.42 13.95 1.74
N SER A 243 -21.35 15.18 2.24
CA SER A 243 -21.74 15.47 3.61
C SER A 243 -23.20 15.19 3.84
N LYS A 244 -23.48 14.27 4.76
CA LYS A 244 -24.84 13.95 5.14
C LYS A 244 -25.54 15.11 5.85
N ASN A 245 -26.04 16.06 5.05
CA ASN A 245 -26.75 17.25 5.57
C ASN A 245 -25.94 18.07 6.59
N ASP A 246 -26.48 18.18 7.80
CA ASP A 246 -25.87 19.00 8.84
C ASP A 246 -24.83 18.23 9.66
N GLU A 247 -24.52 17.01 9.25
CA GLU A 247 -23.57 16.17 9.97
C GLU A 247 -22.13 16.64 9.74
N LYS A 248 -21.21 16.12 10.56
CA LYS A 248 -19.80 16.41 10.38
C LYS A 248 -19.35 15.91 9.00
N GLU A 249 -18.48 16.66 8.34
CA GLU A 249 -18.03 16.28 7.00
C GLU A 249 -16.99 15.16 7.06
N TYR A 250 -17.06 14.26 6.09
CA TYR A 250 -16.19 13.09 6.04
C TYR A 250 -14.75 13.47 5.83
N PRO A 251 -13.81 12.62 6.26
CA PRO A 251 -12.42 12.93 5.90
C PRO A 251 -12.19 12.86 4.39
N HIS A 252 -11.24 13.61 3.87
CA HIS A 252 -10.77 13.32 2.52
C HIS A 252 -9.96 12.00 2.52
N ARG A 253 -10.11 11.20 1.45
CA ARG A 253 -9.44 9.90 1.36
C ARG A 253 -8.61 9.78 0.09
N ARG A 254 -7.67 8.86 0.11
CA ARG A 254 -6.84 8.60 -1.04
C ARG A 254 -7.52 7.59 -1.92
N ILE A 255 -7.53 7.85 -3.23
CA ILE A 255 -8.10 6.91 -4.20
C ILE A 255 -7.17 6.79 -5.41
N ASP A 256 -6.85 5.55 -5.78
CA ASP A 256 -6.11 5.33 -7.02
C ASP A 256 -7.07 4.65 -7.98
N ILE A 257 -6.92 5.01 -9.25
CA ILE A 257 -7.65 4.36 -10.32
C ILE A 257 -6.66 4.04 -11.41
N ARG A 258 -6.53 2.77 -11.76
CA ARG A 258 -5.66 2.43 -12.87
C ARG A 258 -6.40 1.67 -13.97
N LEU A 259 -6.06 2.01 -15.20
CA LEU A 259 -6.62 1.36 -16.36
C LEU A 259 -5.68 0.23 -16.72
N ILE A 260 -6.27 -0.94 -16.97
CA ILE A 260 -5.52 -2.14 -17.29
C ILE A 260 -6.14 -2.77 -18.52
N PRO A 261 -5.31 -3.26 -19.46
CA PRO A 261 -5.79 -4.04 -20.59
C PRO A 261 -6.70 -5.19 -20.16
N LYS A 262 -7.75 -5.43 -20.94
CA LYS A 262 -8.75 -6.45 -20.65
C LYS A 262 -8.11 -7.84 -20.50
N ASP A 263 -7.08 -8.13 -21.29
CA ASP A 263 -6.41 -9.44 -21.20
C ASP A 263 -5.37 -9.51 -20.09
N GLN A 264 -5.18 -8.40 -19.38
CA GLN A 264 -4.31 -8.41 -18.20
C GLN A 264 -5.07 -8.04 -16.94
N TYR A 265 -6.40 -7.97 -17.07
CA TYR A 265 -7.22 -7.41 -16.00
C TYR A 265 -7.21 -8.28 -14.78
N TYR A 266 -7.48 -9.56 -14.94
CA TYR A 266 -7.64 -10.37 -13.75
C TYR A 266 -6.33 -10.67 -13.05
N CYS A 267 -5.23 -10.76 -13.80
CA CYS A 267 -3.89 -10.82 -13.19
C CYS A 267 -3.67 -9.60 -12.30
N GLY A 268 -4.13 -8.45 -12.81
CA GLY A 268 -4.08 -7.22 -12.05
C GLY A 268 -4.95 -7.33 -10.80
N VAL A 269 -6.18 -7.82 -10.97
CA VAL A 269 -7.11 -7.92 -9.85
C VAL A 269 -6.59 -8.89 -8.78
N LEU A 270 -6.19 -10.08 -9.22
CA LEU A 270 -5.57 -11.09 -8.34
C LEU A 270 -4.42 -10.50 -7.53
N TYR A 271 -3.52 -9.82 -8.23
CA TYR A 271 -2.33 -9.23 -7.61
C TYR A 271 -2.68 -8.09 -6.66
N PHE A 272 -3.49 -7.13 -7.10
CA PHE A 272 -3.81 -5.99 -6.23
C PHE A 272 -4.84 -6.35 -5.17
N THR A 273 -5.34 -7.57 -5.20
CA THR A 273 -6.17 -8.05 -4.09
C THR A 273 -5.29 -8.57 -2.94
N GLY A 274 -4.15 -9.15 -3.26
CA GLY A 274 -3.26 -9.61 -2.21
C GLY A 274 -3.86 -10.79 -1.45
N SER A 275 -3.42 -11.00 -0.20
CA SER A 275 -2.39 -10.19 0.46
C SER A 275 -0.98 -10.40 -0.11
N ASP A 276 -0.01 -9.69 0.46
CA ASP A 276 1.36 -9.75 -0.04
C ASP A 276 1.90 -11.15 0.17
N ILE A 277 1.62 -11.69 1.35
CA ILE A 277 2.08 -13.02 1.72
C ILE A 277 1.39 -14.06 0.85
N PHE A 278 0.10 -13.87 0.60
CA PHE A 278 -0.63 -14.77 -0.28
C PHE A 278 -0.03 -14.74 -1.68
N ASN A 279 0.27 -13.53 -2.15
CA ASN A 279 0.88 -13.35 -3.46
C ASN A 279 2.21 -14.09 -3.60
N LYS A 280 3.04 -14.06 -2.56
CA LYS A 280 4.31 -14.80 -2.62
C LYS A 280 4.07 -16.31 -2.66
N ASN A 281 3.20 -16.81 -1.78
CA ASN A 281 2.86 -18.22 -1.82
C ASN A 281 2.37 -18.61 -3.20
N MET A 282 1.37 -17.90 -3.69
CA MET A 282 0.77 -18.25 -4.96
C MET A 282 1.76 -18.19 -6.10
N ARG A 283 2.71 -17.26 -6.08
CA ARG A 283 3.68 -17.17 -7.17
C ARG A 283 4.83 -18.16 -6.94
N ALA A 284 5.00 -18.57 -5.69
CA ALA A 284 5.94 -19.64 -5.40
C ALA A 284 5.38 -20.95 -5.94
N HIS A 285 4.06 -21.07 -5.94
CA HIS A 285 3.47 -22.39 -6.10
C HIS A 285 3.83 -23.25 -7.33
N ALA A 286 3.59 -22.97 -8.63
CA ALA A 286 3.29 -21.78 -9.46
C ALA A 286 4.47 -21.80 -10.39
N LEU A 287 5.60 -21.39 -9.82
CA LEU A 287 6.92 -21.72 -10.33
C LEU A 287 7.10 -23.25 -10.31
N GLU A 288 6.87 -23.85 -9.13
CA GLU A 288 7.01 -25.30 -8.96
C GLU A 288 6.02 -26.10 -9.82
N LYS A 289 5.07 -25.44 -10.46
CA LYS A 289 4.15 -26.10 -11.39
C LYS A 289 4.45 -25.77 -12.84
N GLY A 290 5.45 -24.90 -13.05
CA GLY A 290 5.92 -24.58 -14.40
C GLY A 290 5.52 -23.22 -14.96
N PHE A 291 4.96 -22.36 -14.11
CA PHE A 291 4.42 -21.05 -14.54
C PHE A 291 5.04 -19.86 -13.81
N THR A 292 5.17 -18.75 -14.52
CA THR A 292 5.57 -17.52 -13.84
C THR A 292 4.45 -16.49 -13.87
N ILE A 293 4.11 -16.00 -12.66
CA ILE A 293 3.02 -15.05 -12.47
C ILE A 293 3.54 -13.71 -12.03
N ASN A 294 3.24 -12.65 -12.78
CA ASN A 294 3.47 -11.30 -12.26
C ASN A 294 2.15 -10.50 -12.22
N GLU A 295 2.24 -9.18 -12.05
CA GLU A 295 1.01 -8.40 -11.91
C GLU A 295 0.21 -8.42 -13.21
N TYR A 296 0.87 -8.64 -14.34
CA TYR A 296 0.27 -8.59 -15.68
C TYR A 296 -0.23 -9.91 -16.28
N THR A 297 0.66 -10.89 -16.31
CA THR A 297 0.41 -12.10 -17.07
C THR A 297 0.78 -13.36 -16.31
N ILE A 298 0.26 -14.49 -16.77
CA ILE A 298 0.81 -15.79 -16.38
C ILE A 298 1.44 -16.42 -17.62
N ARG A 299 2.71 -16.81 -17.50
CA ARG A 299 3.42 -17.43 -18.60
C ARG A 299 4.03 -18.77 -18.18
N PRO A 300 4.12 -19.72 -19.13
CA PRO A 300 4.76 -21.03 -18.90
C PRO A 300 6.27 -21.02 -19.20
N LEU A 301 7.02 -21.65 -18.29
CA LEU A 301 8.36 -22.09 -18.56
C LEU A 301 8.13 -23.45 -19.20
N GLY A 302 9.02 -23.98 -20.05
CA GLY A 302 10.37 -23.54 -20.29
C GLY A 302 11.29 -24.59 -19.67
N VAL A 303 11.66 -25.63 -20.43
CA VAL A 303 12.53 -26.68 -19.85
C VAL A 303 13.89 -26.07 -19.50
N THR A 304 14.40 -25.22 -20.37
CA THR A 304 15.61 -24.46 -20.11
C THR A 304 15.31 -23.27 -19.19
N GLY A 305 14.02 -22.93 -19.07
CA GLY A 305 13.60 -21.84 -18.19
C GLY A 305 13.09 -20.62 -18.93
N VAL A 306 12.99 -20.75 -20.25
CA VAL A 306 12.56 -19.66 -21.13
C VAL A 306 11.03 -19.51 -21.17
N ALA A 307 10.53 -18.38 -20.64
CA ALA A 307 9.08 -18.15 -20.54
C ALA A 307 8.41 -17.91 -21.91
N GLY A 308 7.36 -18.66 -22.19
CA GLY A 308 6.63 -18.53 -23.43
C GLY A 308 5.60 -17.40 -23.40
N GLU A 309 4.73 -17.35 -24.40
CA GLU A 309 3.71 -16.31 -24.49
C GLU A 309 2.74 -16.38 -23.32
N PRO A 310 2.20 -15.21 -22.95
CA PRO A 310 1.20 -15.13 -21.88
C PRO A 310 -0.03 -16.00 -22.18
N LEU A 311 -0.58 -16.62 -21.14
CA LEU A 311 -1.71 -17.52 -21.32
C LEU A 311 -3.01 -16.76 -21.17
N PRO A 312 -4.01 -17.09 -22.00
CA PRO A 312 -5.26 -16.33 -21.96
C PRO A 312 -5.88 -16.43 -20.58
N VAL A 313 -6.25 -15.29 -19.99
CA VAL A 313 -6.87 -15.27 -18.67
C VAL A 313 -8.19 -14.48 -18.74
N ASP A 314 -9.28 -15.08 -18.29
CA ASP A 314 -10.58 -14.41 -18.43
C ASP A 314 -11.35 -14.33 -17.11
N SER A 315 -10.72 -14.79 -16.05
CA SER A 315 -11.27 -14.68 -14.71
C SER A 315 -10.12 -14.89 -13.74
N GLU A 316 -10.36 -14.57 -12.47
CA GLU A 316 -9.38 -14.90 -11.44
C GLU A 316 -9.19 -16.42 -11.41
N LYS A 317 -10.31 -17.13 -11.37
CA LYS A 317 -10.29 -18.59 -11.31
C LYS A 317 -9.39 -19.20 -12.38
N ASP A 318 -9.45 -18.66 -13.60
CA ASP A 318 -8.61 -19.12 -14.71
C ASP A 318 -7.15 -19.30 -14.29
N ILE A 319 -6.66 -18.38 -13.47
CA ILE A 319 -5.26 -18.41 -13.05
C ILE A 319 -5.06 -19.55 -12.09
N PHE A 320 -6.00 -19.72 -11.17
CA PHE A 320 -5.97 -20.86 -10.24
C PHE A 320 -5.99 -22.20 -10.97
N ASP A 321 -6.85 -22.31 -11.98
CA ASP A 321 -6.91 -23.49 -12.83
C ASP A 321 -5.53 -23.85 -13.39
N TYR A 322 -4.91 -22.90 -14.08
CA TYR A 322 -3.60 -23.09 -14.69
C TYR A 322 -2.57 -23.76 -13.78
N ILE A 323 -2.63 -23.46 -12.48
CA ILE A 323 -1.65 -23.98 -11.54
C ILE A 323 -2.26 -24.97 -10.52
N GLN A 324 -3.29 -25.72 -10.97
CA GLN A 324 -4.16 -26.56 -10.12
C GLN A 324 -4.20 -26.19 -8.63
N TRP A 325 -4.71 -24.98 -8.36
CA TRP A 325 -5.18 -24.59 -7.04
C TRP A 325 -6.70 -24.47 -7.08
N LYS A 326 -7.36 -24.71 -5.95
CA LYS A 326 -8.79 -24.43 -5.87
C LYS A 326 -8.94 -22.93 -5.70
N TYR A 327 -9.81 -22.32 -6.50
CA TYR A 327 -10.08 -20.90 -6.38
C TYR A 327 -10.33 -20.55 -4.93
N ARG A 328 -9.57 -19.60 -4.39
CA ARG A 328 -9.87 -19.14 -3.05
C ARG A 328 -10.45 -17.74 -3.04
N GLU A 329 -11.60 -17.62 -2.41
CA GLU A 329 -12.26 -16.35 -2.16
C GLU A 329 -11.26 -15.33 -1.64
N PRO A 330 -11.46 -14.07 -2.05
CA PRO A 330 -10.71 -12.95 -1.47
C PRO A 330 -10.70 -12.96 0.07
N LYS A 331 -11.80 -13.36 0.69
CA LYS A 331 -11.90 -13.44 2.16
C LYS A 331 -10.82 -14.35 2.76
N ASP A 332 -10.50 -15.43 2.04
CA ASP A 332 -9.54 -16.42 2.49
C ASP A 332 -8.20 -16.30 1.77
N ARG A 333 -7.81 -15.06 1.45
CA ARG A 333 -6.51 -14.83 0.81
C ARG A 333 -5.61 -14.10 1.78
N SER A 334 -5.72 -14.46 3.05
CA SER A 334 -4.98 -13.79 4.11
C SER A 334 -3.52 -14.14 3.96
N GLU A 335 -3.28 -15.40 3.58
CA GLU A 335 -1.95 -15.86 3.21
C GLU A 335 -2.05 -17.04 2.23
#